data_5DXY
#
_entry.id   5DXY
#
_cell.length_a   51.682
_cell.length_b   80.430
_cell.length_c   84.438
_cell.angle_alpha   90.000
_cell.angle_beta   90.000
_cell.angle_gamma   90.000
#
_symmetry.space_group_name_H-M   'P 21 21 21'
#
loop_
_entity.id
_entity.type
_entity.pdbx_description
1 polymer 'Artemisinic aldehyde Delta(11(13)) reductase'
2 non-polymer 'FLAVIN MONONUCLEOTIDE'
3 non-polymer '[[(2R,3S,4R,5R)-5-(5-aminocarbonyl-3,4-dihydro-2H-pyridin-1-yl)-3,4-bis(oxidanyl)oxolan-2-yl]methoxy-oxidanyl-phosphoryl] [(2R,3R,4R,5R)-5-(6-aminopurin-9-yl)-3-oxidanyl-4-phosphonooxy-oxolan-2-yl]methyl hydrogen phosphate'
4 water water
#
_entity_poly.entity_id   1
_entity_poly.type   'polypeptide(L)'
_entity_poly.pdbx_seq_one_letter_code
;MSEKPTLFSAYKMGKFNLSHRVVLAPLTRCRAINAIPNEALVEYYRQRSTAGGFLITEGTMISPSSAGFPHVPGIFTKEQ
VEGWKKVVDAAHKEGAVIFCQLWHVGRASHQVYQPGGAAPISSTSKPISKKWEILLPDATYGTYPEPRPLAANEILEVVE
DYRVAAINAIEAGFDGIEIHGAHGYLLDQFMKDGINDRTDEYGGSLENRCKFILQVVQAVSAAIGTDRVGIRISPAIDHT
DAMDSDPRSLGLAVIERLNKLQFKLGSRLAYLHVTQPRYTADGHGQTEAGANGSEEEVAQLMKTWRGAYVGTFICCGGYT
RELGLQAVAQGDADLVAFGRYFVSNPDLVLRLKLNAPLNRYDRATFYTHDPVVGYTDYPSLDKGSLL
;
_entity_poly.pdbx_strand_id   A
#
# COMPACT_ATOMS: atom_id res chain seq x y z
N LYS A 4 -19.59 -11.39 18.37
CA LYS A 4 -20.11 -10.37 17.45
C LYS A 4 -19.02 -9.38 17.05
N PRO A 5 -18.81 -9.22 15.74
CA PRO A 5 -17.76 -8.33 15.21
C PRO A 5 -17.98 -6.86 15.56
N THR A 6 -17.00 -6.26 16.24
CA THR A 6 -16.94 -4.82 16.39
C THR A 6 -15.53 -4.35 16.06
N LEU A 7 -15.38 -3.03 15.92
CA LEU A 7 -14.08 -2.44 15.59
C LEU A 7 -13.00 -2.84 16.59
N PHE A 8 -13.38 -3.20 17.82
CA PHE A 8 -12.39 -3.47 18.84
C PHE A 8 -12.34 -4.95 19.26
N SER A 9 -12.93 -5.83 18.44
CA SER A 9 -12.92 -7.26 18.77
C SER A 9 -11.85 -8.02 17.97
N ALA A 10 -11.50 -9.19 18.46
CA ALA A 10 -10.46 -9.98 17.83
C ALA A 10 -10.84 -10.47 16.44
N TYR A 11 -9.82 -10.84 15.67
CA TYR A 11 -10.03 -11.33 14.31
C TYR A 11 -8.89 -12.26 13.92
N LYS A 12 -9.24 -13.37 13.29
CA LYS A 12 -8.24 -14.28 12.78
C LYS A 12 -8.03 -14.00 11.29
N MET A 13 -6.90 -13.39 10.98
CA MET A 13 -6.56 -13.05 9.61
C MET A 13 -5.72 -14.19 9.06
N GLY A 14 -6.38 -15.31 8.82
CA GLY A 14 -5.73 -16.52 8.38
C GLY A 14 -4.70 -17.01 9.38
N LYS A 15 -3.44 -16.85 9.02
CA LYS A 15 -2.30 -17.28 9.83
C LYS A 15 -2.14 -16.48 11.12
N PHE A 16 -2.67 -15.26 11.11
CA PHE A 16 -2.40 -14.28 12.15
C PHE A 16 -3.60 -14.00 13.04
N ASN A 17 -3.34 -13.75 14.33
CA ASN A 17 -4.40 -13.33 15.23
C ASN A 17 -4.30 -11.84 15.55
N LEU A 18 -5.41 -11.13 15.34
CA LEU A 18 -5.47 -9.72 15.70
C LEU A 18 -6.40 -9.54 16.90
N SER A 19 -6.15 -8.51 17.72
CA SER A 19 -6.95 -8.28 18.91
CA SER A 19 -6.95 -8.28 18.91
C SER A 19 -8.01 -7.20 18.71
N HIS A 20 -7.93 -6.50 17.58
CA HIS A 20 -8.87 -5.43 17.24
C HIS A 20 -8.75 -5.18 15.74
N ARG A 21 -9.65 -4.36 15.18
CA ARG A 21 -9.74 -4.24 13.73
C ARG A 21 -9.15 -2.94 13.17
N VAL A 22 -8.49 -2.17 14.03
CA VAL A 22 -7.89 -0.90 13.62
C VAL A 22 -6.51 -1.14 13.04
N VAL A 23 -6.32 -0.71 11.79
CA VAL A 23 -5.11 -0.99 11.03
C VAL A 23 -4.34 0.30 10.71
N LEU A 24 -3.01 0.28 10.82
CA LEU A 24 -2.20 1.40 10.33
C LEU A 24 -2.10 1.31 8.81
N ALA A 25 -2.70 2.28 8.13
CA ALA A 25 -2.64 2.34 6.67
C ALA A 25 -1.19 2.60 6.24
N PRO A 26 -0.79 2.12 5.05
CA PRO A 26 0.54 2.44 4.54
C PRO A 26 0.70 3.95 4.31
N LEU A 27 1.75 4.55 4.86
CA LEU A 27 1.98 5.99 4.72
C LEU A 27 3.43 6.31 4.39
N THR A 28 3.67 6.76 3.16
CA THR A 28 4.93 7.36 2.75
C THR A 28 5.25 8.60 3.57
N ARG A 29 6.41 8.62 4.23
CA ARG A 29 6.75 9.74 5.13
C ARG A 29 8.14 10.31 4.86
N CYS A 30 8.95 9.59 4.07
CA CYS A 30 10.25 10.10 3.62
C CYS A 30 11.24 10.34 4.76
N ARG A 31 11.29 9.44 5.75
CA ARG A 31 12.29 9.60 6.81
C ARG A 31 13.39 8.55 6.72
N ALA A 32 13.28 7.64 5.75
CA ALA A 32 14.26 6.57 5.60
C ALA A 32 15.43 7.07 4.76
N ILE A 33 16.30 7.83 5.41
CA ILE A 33 17.36 8.54 4.71
C ILE A 33 18.23 7.58 3.90
N ASN A 34 18.43 7.94 2.62
CA ASN A 34 19.17 7.12 1.65
C ASN A 34 18.62 5.70 1.53
N ALA A 35 17.30 5.58 1.75
CA ALA A 35 16.53 4.34 1.58
C ALA A 35 16.79 3.27 2.66
N ILE A 36 17.54 3.61 3.70
CA ILE A 36 17.78 2.66 4.79
C ILE A 36 16.83 2.90 5.96
N PRO A 37 16.01 1.90 6.32
CA PRO A 37 15.19 2.04 7.53
C PRO A 37 16.10 2.27 8.73
N ASN A 38 15.71 3.18 9.61
CA ASN A 38 16.63 3.68 10.63
C ASN A 38 15.95 3.81 11.98
N GLU A 39 16.61 4.48 12.92
CA GLU A 39 16.07 4.61 14.27
C GLU A 39 14.77 5.41 14.33
N ALA A 40 14.61 6.38 13.43
CA ALA A 40 13.36 7.12 13.35
C ALA A 40 12.20 6.20 13.00
N LEU A 41 12.36 5.36 11.99
CA LEU A 41 11.31 4.41 11.64
C LEU A 41 11.04 3.42 12.79
N VAL A 42 12.09 2.96 13.45
CA VAL A 42 11.88 2.06 14.59
C VAL A 42 10.91 2.69 15.58
N GLU A 43 11.18 3.94 15.97
CA GLU A 43 10.36 4.58 16.98
C GLU A 43 8.97 4.84 16.46
N TYR A 44 8.88 5.26 15.20
CA TYR A 44 7.60 5.58 14.59
C TYR A 44 6.64 4.39 14.63
N TYR A 45 7.12 3.22 14.21
CA TYR A 45 6.25 2.06 14.18
C TYR A 45 6.03 1.51 15.59
N ARG A 46 7.07 1.59 16.43
CA ARG A 46 6.93 1.16 17.82
C ARG A 46 5.85 1.96 18.55
N GLN A 47 5.83 3.28 18.33
CA GLN A 47 4.82 4.18 18.92
C GLN A 47 3.42 3.77 18.57
N ARG A 48 3.26 3.23 17.36
CA ARG A 48 1.95 2.92 16.81
C ARG A 48 1.56 1.47 17.02
N SER A 49 2.48 0.68 17.59
CA SER A 49 2.21 -0.74 17.80
C SER A 49 1.27 -0.98 18.99
N THR A 50 0.41 -1.98 18.85
CA THR A 50 -0.40 -2.49 19.93
C THR A 50 -0.37 -4.01 19.90
N ALA A 51 -0.66 -4.62 21.05
CA ALA A 51 -0.72 -6.07 21.10
C ALA A 51 -1.84 -6.59 20.20
N GLY A 52 -1.48 -7.38 19.20
CA GLY A 52 -2.44 -7.90 18.24
C GLY A 52 -2.99 -6.86 17.28
N GLY A 53 -2.30 -5.72 17.15
CA GLY A 53 -2.66 -4.72 16.15
C GLY A 53 -1.90 -4.91 14.84
N PHE A 54 -2.60 -4.75 13.72
CA PHE A 54 -2.01 -4.91 12.40
C PHE A 54 -1.45 -3.59 11.89
N LEU A 55 -0.20 -3.64 11.44
CA LEU A 55 0.51 -2.49 10.85
C LEU A 55 0.91 -2.77 9.40
N ILE A 56 0.66 -1.81 8.52
CA ILE A 56 1.18 -1.89 7.14
C ILE A 56 2.21 -0.78 6.98
N THR A 57 3.42 -1.12 6.54
CA THR A 57 4.44 -0.08 6.37
C THR A 57 4.15 0.85 5.21
N GLU A 58 4.81 2.00 5.24
CA GLU A 58 5.01 2.85 4.07
C GLU A 58 5.44 2.04 2.87
N GLY A 59 5.07 2.53 1.69
CA GLY A 59 5.52 1.94 0.45
C GLY A 59 7.02 1.77 0.47
N THR A 60 7.48 0.59 0.07
CA THR A 60 8.90 0.25 0.14
C THR A 60 9.38 -0.22 -1.23
N MET A 61 10.48 0.37 -1.70
CA MET A 61 10.99 0.13 -3.05
C MET A 61 11.41 -1.31 -3.28
N ILE A 62 11.05 -1.85 -4.44
CA ILE A 62 11.45 -3.21 -4.79
C ILE A 62 12.67 -3.19 -5.69
N SER A 63 13.06 -2.01 -6.15
CA SER A 63 14.18 -1.85 -7.08
C SER A 63 14.60 -0.39 -7.16
N PRO A 64 15.80 -0.14 -7.72
CA PRO A 64 16.18 1.26 -7.93
C PRO A 64 15.17 2.09 -8.75
N SER A 65 14.56 1.48 -9.75
CA SER A 65 13.63 2.22 -10.60
C SER A 65 12.27 2.45 -9.92
N SER A 66 12.09 1.84 -8.75
CA SER A 66 10.85 1.98 -7.97
C SER A 66 10.62 3.37 -7.37
N ALA A 67 11.69 4.16 -7.29
CA ALA A 67 11.69 5.43 -6.54
C ALA A 67 10.90 6.56 -7.18
N GLY A 68 10.06 7.22 -6.38
CA GLY A 68 9.33 8.39 -6.86
C GLY A 68 9.12 9.45 -5.79
N PHE A 69 9.69 9.20 -4.61
CA PHE A 69 9.70 10.13 -3.46
C PHE A 69 11.12 10.11 -2.87
N PRO A 70 11.51 11.19 -2.16
CA PRO A 70 12.84 11.16 -1.54
C PRO A 70 12.86 10.39 -0.22
N HIS A 71 13.98 9.75 0.08
CA HIS A 71 14.22 9.10 1.37
C HIS A 71 13.09 8.16 1.76
N VAL A 72 12.62 7.36 0.80
CA VAL A 72 11.73 6.25 1.08
C VAL A 72 12.56 4.97 1.17
N PRO A 73 12.13 4.02 2.01
CA PRO A 73 12.94 2.81 2.20
C PRO A 73 12.87 1.86 1.04
N GLY A 74 13.90 1.02 0.91
CA GLY A 74 13.86 -0.08 -0.05
C GLY A 74 13.95 -1.40 0.69
N ILE A 75 13.76 -2.51 -0.02
CA ILE A 75 13.99 -3.80 0.62
C ILE A 75 14.67 -4.73 -0.40
N PHE A 76 15.52 -4.13 -1.23
CA PHE A 76 16.25 -4.91 -2.24
C PHE A 76 17.75 -5.04 -1.95
N THR A 77 18.24 -4.43 -0.88
CA THR A 77 19.63 -4.68 -0.46
C THR A 77 19.74 -5.28 0.95
N LYS A 78 20.87 -5.93 1.23
CA LYS A 78 21.13 -6.48 2.56
C LYS A 78 21.11 -5.38 3.62
N GLU A 79 21.68 -4.23 3.29
CA GLU A 79 21.73 -3.11 4.21
C GLU A 79 20.31 -2.68 4.58
N GLN A 80 19.44 -2.65 3.57
CA GLN A 80 18.05 -2.27 3.80
C GLN A 80 17.34 -3.30 4.67
N VAL A 81 17.59 -4.59 4.40
CA VAL A 81 16.98 -5.66 5.18
C VAL A 81 17.41 -5.58 6.65
N GLU A 82 18.69 -5.31 6.89
CA GLU A 82 19.18 -5.17 8.27
C GLU A 82 18.50 -4.01 9.00
N GLY A 83 18.28 -2.91 8.29
CA GLY A 83 17.53 -1.80 8.84
C GLY A 83 16.10 -2.19 9.20
N TRP A 84 15.41 -2.87 8.29
CA TRP A 84 14.06 -3.32 8.58
C TRP A 84 13.99 -4.27 9.77
N LYS A 85 15.00 -5.12 9.94
CA LYS A 85 15.00 -6.06 11.07
C LYS A 85 14.77 -5.34 12.39
N LYS A 86 15.41 -4.19 12.55
CA LYS A 86 15.29 -3.44 13.80
C LYS A 86 13.87 -2.88 13.97
N VAL A 87 13.26 -2.45 12.88
CA VAL A 87 11.88 -1.97 12.94
C VAL A 87 10.92 -3.08 13.33
N VAL A 88 11.06 -4.21 12.64
CA VAL A 88 10.18 -5.34 12.83
C VAL A 88 10.32 -5.93 14.23
N ASP A 89 11.56 -6.06 14.71
CA ASP A 89 11.79 -6.57 16.05
C ASP A 89 11.09 -5.72 17.08
N ALA A 90 11.18 -4.40 16.93
CA ALA A 90 10.55 -3.50 17.90
C ALA A 90 9.04 -3.63 17.87
N ALA A 91 8.47 -3.69 16.66
CA ALA A 91 7.02 -3.84 16.52
C ALA A 91 6.55 -5.16 17.14
N HIS A 92 7.31 -6.22 16.92
CA HIS A 92 6.96 -7.53 17.43
C HIS A 92 7.06 -7.59 18.96
N LYS A 93 8.01 -6.86 19.51
CA LYS A 93 8.16 -6.78 20.96
C LYS A 93 6.89 -6.21 21.60
N GLU A 94 6.17 -5.37 20.85
CA GLU A 94 4.92 -4.79 21.33
C GLU A 94 3.71 -5.67 20.96
N GLY A 95 3.96 -6.76 20.24
CA GLY A 95 2.91 -7.70 19.93
C GLY A 95 2.19 -7.39 18.63
N ALA A 96 2.74 -6.48 17.85
CA ALA A 96 2.16 -6.14 16.54
C ALA A 96 2.33 -7.24 15.52
N VAL A 97 1.44 -7.25 14.53
CA VAL A 97 1.60 -8.00 13.30
C VAL A 97 1.90 -6.95 12.24
N ILE A 98 2.95 -7.16 11.44
CA ILE A 98 3.39 -6.09 10.53
C ILE A 98 3.70 -6.62 9.14
N PHE A 99 3.11 -5.97 8.13
CA PHE A 99 3.34 -6.30 6.72
C PHE A 99 4.13 -5.18 6.04
N CYS A 100 5.04 -5.55 5.15
CA CYS A 100 5.76 -4.54 4.35
C CYS A 100 5.07 -4.29 3.00
N GLN A 101 4.72 -3.04 2.72
CA GLN A 101 4.09 -2.74 1.42
C GLN A 101 5.13 -2.60 0.32
N LEU A 102 5.02 -3.44 -0.71
CA LEU A 102 5.98 -3.43 -1.81
C LEU A 102 5.50 -2.47 -2.90
N TRP A 103 6.35 -1.50 -3.24
CA TRP A 103 5.94 -0.32 -4.00
C TRP A 103 6.83 -0.06 -5.22
N HIS A 104 6.21 0.01 -6.40
CA HIS A 104 6.90 0.52 -7.57
C HIS A 104 6.06 1.63 -8.19
N VAL A 105 6.63 2.82 -8.35
CA VAL A 105 5.87 4.00 -8.79
C VAL A 105 5.60 4.08 -10.30
N GLY A 106 6.30 3.28 -11.10
CA GLY A 106 6.10 3.34 -12.54
C GLY A 106 6.38 4.75 -13.05
N ARG A 107 5.47 5.29 -13.85
CA ARG A 107 5.69 6.61 -14.47
C ARG A 107 5.60 7.79 -13.51
N ALA A 108 5.12 7.55 -12.29
CA ALA A 108 5.04 8.63 -11.30
C ALA A 108 6.40 8.85 -10.67
N SER A 109 7.34 9.34 -11.47
CA SER A 109 8.70 9.53 -11.03
C SER A 109 9.33 10.68 -11.81
N HIS A 110 10.65 10.78 -11.73
CA HIS A 110 11.39 11.88 -12.35
C HIS A 110 12.81 11.39 -12.58
N GLN A 111 13.52 11.99 -13.54
CA GLN A 111 14.88 11.54 -13.84
C GLN A 111 15.77 11.59 -12.61
N VAL A 112 15.52 12.55 -11.72
CA VAL A 112 16.37 12.71 -10.54
C VAL A 112 16.27 11.50 -9.60
N TYR A 113 15.19 10.72 -9.73
CA TYR A 113 15.00 9.54 -8.89
C TYR A 113 15.50 8.24 -9.54
N GLN A 114 15.76 8.30 -10.84
CA GLN A 114 16.04 7.08 -11.59
C GLN A 114 17.54 6.82 -11.73
N PRO A 115 17.94 5.55 -11.67
CA PRO A 115 19.35 5.22 -11.88
C PRO A 115 19.83 5.72 -13.24
N GLY A 116 20.95 6.41 -13.25
CA GLY A 116 21.50 6.98 -14.48
C GLY A 116 20.66 8.09 -15.08
N GLY A 117 19.64 8.52 -14.35
CA GLY A 117 18.72 9.51 -14.88
C GLY A 117 17.88 9.00 -16.03
N ALA A 118 17.69 7.68 -16.08
CA ALA A 118 16.88 7.04 -17.11
C ALA A 118 15.41 7.42 -16.97
N ALA A 119 14.64 7.22 -18.04
CA ALA A 119 13.20 7.46 -17.97
C ALA A 119 12.56 6.47 -17.03
N PRO A 120 11.55 6.92 -16.26
CA PRO A 120 10.73 6.00 -15.46
C PRO A 120 10.06 4.99 -16.38
N ILE A 121 9.73 3.81 -15.86
CA ILE A 121 9.11 2.77 -16.68
C ILE A 121 7.61 2.69 -16.44
N SER A 122 6.88 2.18 -17.42
CA SER A 122 5.42 2.16 -17.34
C SER A 122 4.84 1.15 -18.32
N SER A 123 3.51 1.12 -18.39
CA SER A 123 2.77 0.40 -19.40
C SER A 123 2.83 1.15 -20.73
N THR A 124 2.99 2.46 -20.62
CA THR A 124 2.72 3.40 -21.69
C THR A 124 3.85 4.41 -21.87
N SER A 125 3.82 5.17 -22.96
CA SER A 125 4.75 6.27 -23.16
CA SER A 125 4.74 6.28 -23.18
C SER A 125 4.12 7.60 -22.77
N LYS A 126 2.85 7.57 -22.40
CA LYS A 126 2.12 8.78 -22.01
C LYS A 126 2.53 9.25 -20.61
N PRO A 127 2.93 10.53 -20.49
CA PRO A 127 3.25 11.04 -19.16
C PRO A 127 1.99 11.39 -18.38
N ILE A 128 2.11 11.47 -17.06
CA ILE A 128 1.10 12.13 -16.25
C ILE A 128 0.98 13.58 -16.73
N SER A 129 -0.23 14.10 -16.84
CA SER A 129 -0.41 15.45 -17.40
C SER A 129 0.15 16.54 -16.50
N LYS A 130 0.34 17.72 -17.08
CA LYS A 130 1.02 18.83 -16.41
C LYS A 130 0.23 19.44 -15.23
N LYS A 131 -1.04 19.08 -15.08
CA LYS A 131 -1.80 19.60 -13.95
C LYS A 131 -1.41 18.87 -12.64
N TRP A 132 -0.59 17.84 -12.75
CA TRP A 132 0.01 17.20 -11.58
C TRP A 132 1.50 17.47 -11.56
N GLU A 133 2.07 17.68 -10.38
CA GLU A 133 3.51 17.87 -10.23
C GLU A 133 4.10 16.90 -9.20
N ILE A 134 5.41 16.69 -9.27
CA ILE A 134 6.06 15.72 -8.41
C ILE A 134 7.02 16.41 -7.45
N LEU A 135 6.96 16.02 -6.18
CA LEU A 135 7.89 16.55 -5.19
C LEU A 135 9.29 16.03 -5.49
N LEU A 136 10.25 16.94 -5.57
CA LEU A 136 11.64 16.60 -5.86
C LEU A 136 12.48 16.59 -4.58
N PRO A 137 13.68 15.97 -4.63
CA PRO A 137 14.51 15.88 -3.43
C PRO A 137 14.94 17.24 -2.86
N ASP A 138 14.93 18.30 -3.66
CA ASP A 138 15.36 19.62 -3.18
C ASP A 138 14.20 20.50 -2.70
N ALA A 139 13.07 19.88 -2.39
CA ALA A 139 11.88 20.57 -1.87
C ALA A 139 11.30 21.57 -2.87
N THR A 140 11.48 21.30 -4.16
CA THR A 140 10.71 22.00 -5.20
C THR A 140 9.80 20.99 -5.87
N TYR A 141 8.88 21.47 -6.71
CA TYR A 141 8.05 20.55 -7.48
C TYR A 141 8.41 20.56 -8.96
N GLY A 142 8.45 19.37 -9.53
CA GLY A 142 8.88 19.24 -10.91
C GLY A 142 7.82 18.64 -11.80
N THR A 143 8.17 18.48 -13.08
CA THR A 143 7.27 17.93 -14.08
C THR A 143 7.47 16.43 -14.23
N TYR A 144 6.37 15.68 -14.31
CA TYR A 144 6.47 14.26 -14.66
C TYR A 144 6.90 14.10 -16.12
N PRO A 145 7.97 13.31 -16.36
CA PRO A 145 8.49 13.14 -17.72
C PRO A 145 7.75 12.04 -18.46
N GLU A 146 8.06 11.91 -19.74
CA GLU A 146 7.57 10.80 -20.55
C GLU A 146 8.21 9.49 -20.07
N PRO A 147 7.38 8.49 -19.72
CA PRO A 147 7.90 7.20 -19.30
C PRO A 147 8.26 6.30 -20.48
N ARG A 148 9.00 5.24 -20.20
CA ARG A 148 9.33 4.24 -21.21
C ARG A 148 8.45 3.01 -20.99
N PRO A 149 7.73 2.59 -22.05
CA PRO A 149 6.87 1.41 -21.95
C PRO A 149 7.67 0.10 -21.89
N LEU A 150 7.39 -0.71 -20.87
CA LEU A 150 8.11 -1.97 -20.66
C LEU A 150 7.81 -2.95 -21.78
N ALA A 151 8.85 -3.64 -22.24
CA ALA A 151 8.67 -4.81 -23.07
C ALA A 151 8.22 -5.97 -22.19
N ALA A 152 7.59 -6.97 -22.80
CA ALA A 152 7.07 -8.13 -22.07
C ALA A 152 8.13 -8.81 -21.21
N ASN A 153 9.31 -9.01 -21.77
CA ASN A 153 10.38 -9.64 -21.00
C ASN A 153 10.77 -8.80 -19.78
N GLU A 154 10.65 -7.48 -19.92
CA GLU A 154 11.02 -6.55 -18.86
C GLU A 154 9.99 -6.58 -17.73
N ILE A 155 8.73 -6.81 -18.08
CA ILE A 155 7.68 -6.95 -17.07
C ILE A 155 7.95 -8.17 -16.19
N LEU A 156 8.38 -9.26 -16.80
CA LEU A 156 8.73 -10.44 -16.02
C LEU A 156 9.88 -10.15 -15.06
N GLU A 157 10.81 -9.28 -15.45
CA GLU A 157 11.91 -8.87 -14.58
C GLU A 157 11.40 -8.11 -13.35
N VAL A 158 10.37 -7.29 -13.53
CA VAL A 158 9.79 -6.57 -12.40
C VAL A 158 9.04 -7.55 -11.49
N VAL A 159 8.34 -8.52 -12.08
CA VAL A 159 7.68 -9.55 -11.29
C VAL A 159 8.72 -10.23 -10.40
N GLU A 160 9.89 -10.49 -10.96
CA GLU A 160 10.98 -11.08 -10.20
C GLU A 160 11.43 -10.15 -9.07
N ASP A 161 11.48 -8.84 -9.34
CA ASP A 161 11.83 -7.86 -8.31
C ASP A 161 10.85 -7.93 -7.14
N TYR A 162 9.55 -8.03 -7.42
CA TYR A 162 8.55 -8.26 -6.37
C TYR A 162 8.82 -9.56 -5.60
N ARG A 163 9.15 -10.62 -6.32
CA ARG A 163 9.38 -11.91 -5.68
C ARG A 163 10.54 -11.83 -4.69
N VAL A 164 11.65 -11.25 -5.15
CA VAL A 164 12.84 -11.05 -4.33
C VAL A 164 12.53 -10.17 -3.13
N ALA A 165 11.75 -9.12 -3.34
CA ALA A 165 11.41 -8.22 -2.25
C ALA A 165 10.59 -8.94 -1.18
N ALA A 166 9.69 -9.82 -1.60
CA ALA A 166 8.92 -10.60 -0.65
C ALA A 166 9.81 -11.53 0.18
N ILE A 167 10.75 -12.21 -0.48
CA ILE A 167 11.71 -13.05 0.23
C ILE A 167 12.49 -12.22 1.25
N ASN A 168 12.93 -11.04 0.82
CA ASN A 168 13.73 -10.18 1.70
C ASN A 168 12.92 -9.67 2.90
N ALA A 169 11.64 -9.41 2.68
CA ALA A 169 10.77 -8.97 3.76
C ALA A 169 10.65 -10.06 4.83
N ILE A 170 10.49 -11.30 4.38
CA ILE A 170 10.40 -12.40 5.33
C ILE A 170 11.73 -12.61 6.05
N GLU A 171 12.84 -12.41 5.34
CA GLU A 171 14.16 -12.47 5.99
C GLU A 171 14.31 -11.42 7.08
N ALA A 172 13.73 -10.25 6.85
CA ALA A 172 13.77 -9.17 7.85
C ALA A 172 12.83 -9.44 9.02
N GLY A 173 11.97 -10.44 8.88
CA GLY A 173 11.09 -10.81 9.97
C GLY A 173 9.65 -10.35 9.81
N PHE A 174 9.34 -9.69 8.70
CA PHE A 174 7.97 -9.25 8.45
C PHE A 174 7.02 -10.44 8.48
N ASP A 175 5.82 -10.20 8.98
CA ASP A 175 4.80 -11.25 8.94
C ASP A 175 4.27 -11.51 7.53
N GLY A 176 4.36 -10.51 6.65
CA GLY A 176 3.89 -10.68 5.29
C GLY A 176 4.13 -9.41 4.51
N ILE A 177 3.60 -9.36 3.28
CA ILE A 177 3.74 -8.19 2.44
C ILE A 177 2.39 -7.79 1.85
N GLU A 178 2.28 -6.51 1.50
CA GLU A 178 1.14 -6.01 0.76
C GLU A 178 1.62 -5.52 -0.61
N ILE A 179 0.95 -5.99 -1.66
CA ILE A 179 1.24 -5.51 -3.00
CA ILE A 179 1.25 -5.50 -2.99
C ILE A 179 0.55 -4.17 -3.23
N HIS A 180 1.34 -3.13 -3.49
CA HIS A 180 0.76 -1.82 -3.76
C HIS A 180 0.28 -1.77 -5.21
N GLY A 181 -1.01 -1.95 -5.40
CA GLY A 181 -1.61 -1.90 -6.73
C GLY A 181 -2.60 -0.77 -6.86
N ALA A 182 -2.34 0.31 -6.14
CA ALA A 182 -3.25 1.45 -6.07
C ALA A 182 -2.65 2.78 -6.53
N HIS A 183 -3.49 3.81 -6.52
CA HIS A 183 -3.06 5.21 -6.60
C HIS A 183 -2.22 5.58 -7.80
N GLY A 184 -2.46 4.95 -8.93
CA GLY A 184 -1.82 5.37 -10.16
C GLY A 184 -0.37 4.97 -10.34
N TYR A 185 0.12 4.08 -9.49
CA TYR A 185 1.51 3.66 -9.58
C TYR A 185 1.63 2.50 -10.58
N LEU A 186 2.77 1.80 -10.60
CA LEU A 186 3.07 0.92 -11.74
C LEU A 186 1.96 -0.07 -12.09
N LEU A 187 1.49 -0.85 -11.12
CA LEU A 187 0.50 -1.89 -11.42
C LEU A 187 -0.84 -1.28 -11.84
N ASP A 188 -1.16 -0.11 -11.28
CA ASP A 188 -2.38 0.61 -11.64
C ASP A 188 -2.25 1.17 -13.06
N GLN A 189 -1.02 1.49 -13.48
CA GLN A 189 -0.78 1.98 -14.83
C GLN A 189 -1.09 0.91 -15.86
N PHE A 190 -1.09 -0.35 -15.42
CA PHE A 190 -1.50 -1.44 -16.31
C PHE A 190 -2.99 -1.73 -16.19
N MET A 191 -3.55 -1.66 -14.98
CA MET A 191 -4.97 -1.98 -14.79
C MET A 191 -5.92 -0.96 -15.42
N LYS A 192 -5.57 0.32 -15.33
CA LYS A 192 -6.51 1.41 -15.69
C LYS A 192 -6.54 1.69 -17.18
N ASP A 193 -7.73 1.72 -17.79
CA ASP A 193 -7.77 1.93 -19.24
C ASP A 193 -7.56 3.39 -19.63
N GLY A 194 -7.54 4.28 -18.65
CA GLY A 194 -7.17 5.67 -18.88
C GLY A 194 -5.67 5.86 -19.02
N ILE A 195 -4.91 4.82 -18.67
CA ILE A 195 -3.45 4.86 -18.76
C ILE A 195 -2.93 3.85 -19.77
N ASN A 196 -3.39 2.61 -19.65
CA ASN A 196 -2.88 1.51 -20.44
C ASN A 196 -3.40 1.60 -21.88
N ASP A 197 -2.52 1.99 -22.81
CA ASP A 197 -2.88 2.07 -24.22
C ASP A 197 -2.14 1.01 -25.05
N ARG A 198 -1.72 -0.07 -24.41
CA ARG A 198 -0.97 -1.13 -25.07
C ARG A 198 -1.84 -1.96 -26.02
N THR A 199 -1.21 -2.52 -27.05
CA THR A 199 -1.93 -3.38 -27.98
C THR A 199 -1.44 -4.83 -27.91
N ASP A 200 -0.53 -5.13 -26.98
CA ASP A 200 -0.03 -6.48 -26.82
C ASP A 200 -0.81 -7.25 -25.74
N GLU A 201 -0.21 -8.34 -25.25
CA GLU A 201 -0.86 -9.22 -24.29
C GLU A 201 -1.08 -8.57 -22.92
N TYR A 202 -0.58 -7.35 -22.74
CA TYR A 202 -0.79 -6.65 -21.47
C TYR A 202 -1.72 -5.45 -21.60
N GLY A 203 -2.34 -5.31 -22.77
CA GLY A 203 -3.26 -4.20 -23.00
C GLY A 203 -4.61 -4.62 -23.56
N GLY A 204 -5.59 -3.73 -23.46
CA GLY A 204 -6.89 -3.97 -24.06
C GLY A 204 -7.92 -4.52 -23.07
N SER A 205 -8.15 -5.83 -23.13
CA SER A 205 -9.17 -6.46 -22.32
C SER A 205 -8.86 -6.39 -20.83
N LEU A 206 -9.88 -6.58 -20.00
CA LEU A 206 -9.67 -6.67 -18.55
C LEU A 206 -8.71 -7.81 -18.23
N GLU A 207 -8.84 -8.91 -18.96
CA GLU A 207 -7.93 -10.04 -18.80
C GLU A 207 -6.47 -9.62 -18.98
N ASN A 208 -6.18 -8.88 -20.05
CA ASN A 208 -4.81 -8.45 -20.31
C ASN A 208 -4.33 -7.39 -19.32
N ARG A 209 -5.24 -6.51 -18.90
CA ARG A 209 -4.88 -5.41 -18.02
C ARG A 209 -4.61 -5.88 -16.60
N CYS A 210 -5.22 -7.00 -16.22
CA CYS A 210 -5.02 -7.57 -14.90
C CYS A 210 -3.87 -8.57 -14.84
N LYS A 211 -3.29 -8.88 -16.01
CA LYS A 211 -2.26 -9.91 -16.13
C LYS A 211 -1.05 -9.64 -15.24
N PHE A 212 -0.50 -8.43 -15.32
CA PHE A 212 0.71 -8.07 -14.58
C PHE A 212 0.46 -8.21 -13.06
N ILE A 213 -0.58 -7.58 -12.52
CA ILE A 213 -0.76 -7.64 -11.06
C ILE A 213 -1.02 -9.09 -10.62
N LEU A 214 -1.72 -9.88 -11.43
CA LEU A 214 -1.93 -11.28 -11.05
C LEU A 214 -0.63 -12.09 -11.10
N GLN A 215 0.25 -11.78 -12.05
CA GLN A 215 1.56 -12.45 -12.09
C GLN A 215 2.35 -12.13 -10.82
N VAL A 216 2.24 -10.89 -10.34
CA VAL A 216 2.90 -10.50 -9.10
C VAL A 216 2.31 -11.27 -7.90
N VAL A 217 0.99 -11.32 -7.79
CA VAL A 217 0.35 -12.04 -6.69
C VAL A 217 0.79 -13.49 -6.71
N GLN A 218 0.85 -14.07 -7.90
CA GLN A 218 1.26 -15.47 -8.03
C GLN A 218 2.72 -15.65 -7.61
N ALA A 219 3.59 -14.73 -8.01
CA ALA A 219 5.01 -14.86 -7.69
C ALA A 219 5.30 -14.71 -6.20
N VAL A 220 4.71 -13.70 -5.55
CA VAL A 220 4.98 -13.50 -4.14
C VAL A 220 4.34 -14.62 -3.32
N SER A 221 3.19 -15.15 -3.78
CA SER A 221 2.56 -16.26 -3.07
C SER A 221 3.44 -17.50 -3.18
N ALA A 222 4.07 -17.68 -4.34
CA ALA A 222 4.99 -18.81 -4.50
C ALA A 222 6.20 -18.64 -3.57
N ALA A 223 6.66 -17.41 -3.40
CA ALA A 223 7.83 -17.15 -2.58
C ALA A 223 7.61 -17.35 -1.08
N ILE A 224 6.50 -16.82 -0.55
CA ILE A 224 6.36 -16.77 0.90
C ILE A 224 5.03 -17.31 1.41
N GLY A 225 4.15 -17.74 0.50
CA GLY A 225 2.87 -18.32 0.89
C GLY A 225 1.71 -17.35 0.71
N THR A 226 0.58 -17.87 0.25
CA THR A 226 -0.62 -17.07 0.06
C THR A 226 -1.03 -16.35 1.34
N ASP A 227 -0.88 -17.02 2.49
CA ASP A 227 -1.37 -16.46 3.73
C ASP A 227 -0.51 -15.32 4.26
N ARG A 228 0.61 -15.02 3.58
CA ARG A 228 1.47 -13.90 3.94
CA ARG A 228 1.44 -13.89 3.95
C ARG A 228 1.36 -12.76 2.92
N VAL A 229 0.35 -12.82 2.05
CA VAL A 229 0.23 -11.84 0.98
C VAL A 229 -1.10 -11.08 1.01
N GLY A 230 -1.02 -9.75 1.07
CA GLY A 230 -2.18 -8.89 0.90
C GLY A 230 -2.03 -8.09 -0.38
N ILE A 231 -3.14 -7.58 -0.89
CA ILE A 231 -3.10 -6.80 -2.11
C ILE A 231 -3.96 -5.55 -1.94
N ARG A 232 -3.43 -4.41 -2.34
CA ARG A 232 -4.16 -3.14 -2.23
C ARG A 232 -4.51 -2.58 -3.60
N ILE A 233 -5.78 -2.24 -3.81
CA ILE A 233 -6.17 -1.58 -5.05
C ILE A 233 -7.08 -0.38 -4.79
N SER A 234 -7.25 0.44 -5.81
CA SER A 234 -8.05 1.66 -5.73
C SER A 234 -8.71 1.89 -7.09
N PRO A 235 -9.73 1.11 -7.42
CA PRO A 235 -10.29 1.18 -8.78
C PRO A 235 -10.97 2.49 -9.13
N ALA A 236 -11.46 3.23 -8.13
CA ALA A 236 -12.26 4.41 -8.42
C ALA A 236 -11.58 5.74 -8.08
N ILE A 237 -10.56 6.12 -8.85
CA ILE A 237 -9.84 7.38 -8.63
C ILE A 237 -9.53 8.14 -9.92
N ASP A 238 -8.89 9.29 -9.78
CA ASP A 238 -8.36 10.01 -10.94
C ASP A 238 -6.99 10.61 -10.64
N HIS A 239 -6.43 10.27 -9.48
CA HIS A 239 -5.12 10.78 -9.07
C HIS A 239 -4.06 10.46 -10.13
N THR A 240 -3.27 11.47 -10.48
CA THR A 240 -2.30 11.39 -11.58
C THR A 240 -2.87 10.69 -12.80
N ASP A 241 -4.09 11.10 -13.19
CA ASP A 241 -4.75 10.63 -14.40
C ASP A 241 -4.98 9.13 -14.43
N ALA A 242 -5.11 8.53 -13.24
CA ALA A 242 -5.29 7.09 -13.19
C ALA A 242 -6.77 6.71 -13.15
N MET A 243 -7.49 7.08 -14.21
CA MET A 243 -8.90 6.77 -14.34
C MET A 243 -9.17 5.49 -15.09
N ASP A 244 -10.26 4.82 -14.74
CA ASP A 244 -10.82 3.75 -15.55
C ASP A 244 -12.26 4.11 -15.95
N SER A 245 -12.66 3.73 -17.15
CA SER A 245 -14.00 4.03 -17.64
C SER A 245 -15.09 3.26 -16.88
N ASP A 246 -14.72 2.17 -16.21
CA ASP A 246 -15.69 1.36 -15.46
C ASP A 246 -15.04 0.79 -14.20
N PRO A 247 -14.87 1.62 -13.16
CA PRO A 247 -14.22 1.16 -11.92
C PRO A 247 -14.92 -0.05 -11.30
N ARG A 248 -16.25 -0.11 -11.35
CA ARG A 248 -16.95 -1.27 -10.80
C ARG A 248 -16.47 -2.57 -11.42
N SER A 249 -16.43 -2.60 -12.75
CA SER A 249 -16.01 -3.80 -13.47
C SER A 249 -14.52 -4.11 -13.31
N LEU A 250 -13.70 -3.07 -13.25
CA LEU A 250 -12.27 -3.27 -13.01
C LEU A 250 -12.05 -3.93 -11.66
N GLY A 251 -12.67 -3.40 -10.61
CA GLY A 251 -12.55 -3.97 -9.28
C GLY A 251 -13.06 -5.40 -9.24
N LEU A 252 -14.21 -5.65 -9.86
CA LEU A 252 -14.71 -7.02 -9.88
C LEU A 252 -13.81 -7.95 -10.67
N ALA A 253 -13.14 -7.43 -11.71
CA ALA A 253 -12.25 -8.25 -12.53
C ALA A 253 -11.04 -8.70 -11.74
N VAL A 254 -10.46 -7.79 -10.96
CA VAL A 254 -9.35 -8.14 -10.10
C VAL A 254 -9.82 -9.17 -9.09
N ILE A 255 -10.97 -8.91 -8.48
CA ILE A 255 -11.50 -9.76 -7.41
C ILE A 255 -11.81 -11.17 -7.92
N GLU A 256 -12.43 -11.27 -9.09
CA GLU A 256 -12.73 -12.59 -9.66
C GLU A 256 -11.45 -13.41 -9.86
N ARG A 257 -10.39 -12.75 -10.28
CA ARG A 257 -9.11 -13.40 -10.49
C ARG A 257 -8.41 -13.79 -9.19
N LEU A 258 -8.53 -12.95 -8.16
CA LEU A 258 -8.03 -13.32 -6.84
C LEU A 258 -8.78 -14.56 -6.35
N ASN A 259 -10.10 -14.57 -6.52
CA ASN A 259 -10.92 -15.69 -6.08
C ASN A 259 -10.53 -16.98 -6.79
N LYS A 260 -10.35 -16.88 -8.10
CA LYS A 260 -9.98 -18.04 -8.92
C LYS A 260 -8.59 -18.56 -8.52
N LEU A 261 -7.68 -17.65 -8.22
CA LEU A 261 -6.34 -18.06 -7.82
C LEU A 261 -6.38 -18.77 -6.47
N GLN A 262 -7.14 -18.22 -5.54
CA GLN A 262 -7.31 -18.85 -4.23
C GLN A 262 -7.88 -20.26 -4.37
N PHE A 263 -8.89 -20.38 -5.22
CA PHE A 263 -9.52 -21.67 -5.45
C PHE A 263 -8.52 -22.66 -6.07
N LYS A 264 -7.72 -22.16 -7.00
CA LYS A 264 -6.75 -23.00 -7.70
C LYS A 264 -5.65 -23.47 -6.76
N LEU A 265 -5.09 -22.54 -5.99
CA LEU A 265 -3.97 -22.86 -5.11
C LEU A 265 -4.42 -23.62 -3.87
N GLY A 266 -5.67 -23.42 -3.46
CA GLY A 266 -6.24 -24.16 -2.34
C GLY A 266 -6.13 -23.42 -1.02
N SER A 267 -5.90 -22.12 -1.08
CA SER A 267 -5.81 -21.32 0.14
C SER A 267 -6.11 -19.85 -0.12
N ARG A 268 -6.35 -19.12 0.96
CA ARG A 268 -6.72 -17.71 0.91
C ARG A 268 -5.54 -16.77 1.06
N LEU A 269 -5.53 -15.69 0.28
CA LEU A 269 -4.61 -14.58 0.53
C LEU A 269 -4.88 -14.01 1.92
N ALA A 270 -3.94 -13.23 2.44
CA ALA A 270 -4.13 -12.62 3.75
C ALA A 270 -5.34 -11.70 3.74
N TYR A 271 -5.47 -10.89 2.68
CA TYR A 271 -6.58 -9.94 2.57
C TYR A 271 -6.58 -9.21 1.24
N LEU A 272 -7.72 -8.59 0.97
CA LEU A 272 -7.87 -7.58 -0.06
C LEU A 272 -8.08 -6.24 0.65
N HIS A 273 -7.39 -5.21 0.17
CA HIS A 273 -7.38 -3.88 0.80
C HIS A 273 -7.80 -2.88 -0.27
N VAL A 274 -8.90 -2.18 -0.05
CA VAL A 274 -9.40 -1.23 -1.05
C VAL A 274 -9.62 0.14 -0.43
N THR A 275 -9.16 1.17 -1.13
CA THR A 275 -9.44 2.54 -0.70
C THR A 275 -10.71 3.08 -1.35
N GLN A 276 -11.46 3.88 -0.59
CA GLN A 276 -12.76 4.42 -1.02
C GLN A 276 -12.64 5.37 -2.20
N PRO A 277 -13.55 5.25 -3.18
CA PRO A 277 -13.56 6.11 -4.38
C PRO A 277 -13.30 7.57 -4.05
N ARG A 278 -12.43 8.20 -4.82
CA ARG A 278 -12.13 9.61 -4.61
C ARG A 278 -11.60 10.26 -5.88
N TYR A 279 -12.25 11.35 -6.27
CA TYR A 279 -11.87 12.11 -7.46
C TYR A 279 -11.57 13.56 -7.10
N THR A 280 -10.30 13.94 -7.24
CA THR A 280 -9.84 15.32 -7.00
C THR A 280 -8.37 15.45 -7.39
N GLU A 295 -21.85 9.80 -3.32
CA GLU A 295 -21.24 9.30 -2.09
C GLU A 295 -21.86 7.97 -1.65
N GLU A 296 -23.13 7.76 -1.97
CA GLU A 296 -23.81 6.53 -1.60
C GLU A 296 -23.58 5.46 -2.65
N GLU A 297 -23.36 5.89 -3.89
CA GLU A 297 -22.92 4.98 -4.95
C GLU A 297 -21.55 4.44 -4.57
N VAL A 298 -20.73 5.33 -4.01
CA VAL A 298 -19.41 4.98 -3.49
C VAL A 298 -19.50 3.93 -2.39
N ALA A 299 -20.44 4.15 -1.47
CA ALA A 299 -20.69 3.21 -0.39
C ALA A 299 -21.07 1.84 -0.95
N GLN A 300 -21.95 1.85 -1.95
CA GLN A 300 -22.48 0.62 -2.50
C GLN A 300 -21.41 -0.13 -3.28
N LEU A 301 -20.58 0.62 -4.01
CA LEU A 301 -19.47 0.07 -4.77
C LEU A 301 -18.55 -0.74 -3.85
N MET A 302 -18.18 -0.15 -2.72
CA MET A 302 -17.33 -0.83 -1.75
C MET A 302 -18.01 -2.08 -1.19
N LYS A 303 -19.31 -2.02 -0.96
CA LYS A 303 -20.03 -3.19 -0.47
C LYS A 303 -20.12 -4.28 -1.54
N THR A 304 -20.27 -3.86 -2.79
CA THR A 304 -20.28 -4.81 -3.89
C THR A 304 -18.94 -5.54 -4.01
N TRP A 305 -17.85 -4.79 -3.97
CA TRP A 305 -16.51 -5.39 -4.00
C TRP A 305 -16.27 -6.35 -2.83
N ARG A 306 -16.59 -5.93 -1.61
CA ARG A 306 -16.41 -6.78 -0.45
C ARG A 306 -17.25 -8.06 -0.61
N GLY A 307 -18.50 -7.90 -1.04
CA GLY A 307 -19.38 -9.04 -1.20
C GLY A 307 -18.86 -10.06 -2.19
N ALA A 308 -18.10 -9.60 -3.17
CA ALA A 308 -17.62 -10.48 -4.24
C ALA A 308 -16.32 -11.20 -3.87
N TYR A 309 -15.53 -10.58 -2.99
CA TYR A 309 -14.24 -11.15 -2.62
C TYR A 309 -14.40 -12.19 -1.51
N VAL A 310 -13.83 -13.37 -1.76
CA VAL A 310 -13.84 -14.44 -0.78
C VAL A 310 -12.63 -14.32 0.13
N GLY A 311 -12.84 -13.71 1.29
CA GLY A 311 -11.75 -13.54 2.24
C GLY A 311 -11.84 -12.24 3.01
N THR A 312 -10.73 -11.87 3.63
CA THR A 312 -10.64 -10.72 4.53
C THR A 312 -10.57 -9.43 3.72
N PHE A 313 -11.38 -8.45 4.13
CA PHE A 313 -11.48 -7.18 3.43
C PHE A 313 -11.12 -6.03 4.35
N ILE A 314 -10.14 -5.24 3.93
CA ILE A 314 -9.74 -4.02 4.63
C ILE A 314 -10.22 -2.80 3.86
N CYS A 315 -10.97 -1.93 4.51
CA CYS A 315 -11.36 -0.68 3.88
C CYS A 315 -10.50 0.46 4.41
N CYS A 316 -10.34 1.49 3.58
CA CYS A 316 -9.59 2.66 3.99
C CYS A 316 -10.07 3.86 3.18
N GLY A 317 -9.89 5.05 3.73
CA GLY A 317 -10.20 6.27 3.01
C GLY A 317 -11.34 7.03 3.66
N GLY A 318 -10.98 8.00 4.49
CA GLY A 318 -11.95 8.88 5.13
C GLY A 318 -12.68 8.28 6.30
N TYR A 319 -12.21 7.15 6.80
CA TYR A 319 -12.91 6.54 7.93
C TYR A 319 -12.67 7.33 9.20
N THR A 320 -13.73 7.38 10.00
CA THR A 320 -13.73 8.05 11.30
C THR A 320 -14.03 6.98 12.33
N ARG A 321 -14.03 7.36 13.60
CA ARG A 321 -14.42 6.42 14.65
C ARG A 321 -15.81 5.88 14.37
N GLU A 322 -16.76 6.76 14.07
CA GLU A 322 -18.12 6.31 13.83
C GLU A 322 -18.23 5.44 12.57
N LEU A 323 -17.61 5.90 11.47
CA LEU A 323 -17.70 5.15 10.22
C LEU A 323 -16.99 3.80 10.33
N GLY A 324 -15.90 3.76 11.10
CA GLY A 324 -15.17 2.51 11.31
C GLY A 324 -15.97 1.50 12.12
N LEU A 325 -16.55 1.97 13.23
CA LEU A 325 -17.44 1.13 14.02
C LEU A 325 -18.56 0.56 13.16
N GLN A 326 -19.14 1.43 12.34
CA GLN A 326 -20.29 1.07 11.53
C GLN A 326 -19.87 0.06 10.45
N ALA A 327 -18.71 0.28 9.83
CA ALA A 327 -18.23 -0.64 8.79
C ALA A 327 -18.08 -2.07 9.29
N VAL A 328 -17.52 -2.23 10.48
CA VAL A 328 -17.32 -3.58 11.01
C VAL A 328 -18.62 -4.17 11.53
N ALA A 329 -19.43 -3.36 12.21
CA ALA A 329 -20.68 -3.86 12.80
C ALA A 329 -21.66 -4.30 11.73
N GLN A 330 -21.67 -3.60 10.60
CA GLN A 330 -22.60 -3.90 9.51
C GLN A 330 -22.07 -4.94 8.54
N GLY A 331 -20.85 -5.42 8.76
CA GLY A 331 -20.27 -6.44 7.91
C GLY A 331 -19.70 -5.93 6.59
N ASP A 332 -19.49 -4.61 6.50
CA ASP A 332 -18.99 -3.99 5.28
C ASP A 332 -17.50 -4.24 5.09
N ALA A 333 -16.82 -4.56 6.18
CA ALA A 333 -15.39 -4.83 6.14
C ALA A 333 -14.98 -5.59 7.39
N ASP A 334 -13.84 -6.26 7.33
CA ASP A 334 -13.35 -6.99 8.50
C ASP A 334 -12.38 -6.16 9.30
N LEU A 335 -11.63 -5.32 8.58
CA LEU A 335 -10.63 -4.44 9.19
C LEU A 335 -10.75 -3.06 8.59
N VAL A 336 -10.44 -2.05 9.40
CA VAL A 336 -10.53 -0.65 8.97
C VAL A 336 -9.19 0.03 9.13
N ALA A 337 -8.62 0.51 8.02
CA ALA A 337 -7.32 1.18 8.06
C ALA A 337 -7.50 2.69 8.16
N PHE A 338 -6.55 3.34 8.87
CA PHE A 338 -6.52 4.79 9.03
C PHE A 338 -5.15 5.33 8.62
N GLY A 339 -5.17 6.36 7.78
CA GLY A 339 -3.94 6.99 7.33
C GLY A 339 -3.63 8.27 8.10
N ARG A 340 -4.22 9.38 7.69
CA ARG A 340 -3.86 10.67 8.24
C ARG A 340 -4.00 10.78 9.77
N TYR A 341 -5.05 10.20 10.36
CA TYR A 341 -5.16 10.21 11.81
C TYR A 341 -4.03 9.47 12.52
N PHE A 342 -3.49 8.42 11.89
CA PHE A 342 -2.35 7.72 12.47
C PHE A 342 -1.05 8.53 12.41
N VAL A 343 -0.98 9.51 11.50
CA VAL A 343 0.17 10.40 11.47
C VAL A 343 0.30 11.13 12.80
N SER A 344 -0.82 11.72 13.23
CA SER A 344 -0.78 12.60 14.39
C SER A 344 -1.19 11.91 15.68
N ASN A 345 -1.69 10.68 15.58
CA ASN A 345 -2.10 9.95 16.77
C ASN A 345 -1.41 8.60 16.86
N PRO A 346 -0.22 8.58 17.47
CA PRO A 346 0.53 7.32 17.53
C PRO A 346 -0.29 6.27 18.27
N ASP A 347 -0.99 6.68 19.32
CA ASP A 347 -1.87 5.76 20.04
C ASP A 347 -3.33 5.85 19.58
N LEU A 348 -3.54 5.82 18.26
CA LEU A 348 -4.88 5.95 17.68
C LEU A 348 -5.84 4.87 18.17
N VAL A 349 -5.34 3.65 18.33
CA VAL A 349 -6.23 2.57 18.76
C VAL A 349 -6.80 2.90 20.15
N LEU A 350 -5.92 3.27 21.06
CA LEU A 350 -6.35 3.66 22.40
C LEU A 350 -7.32 4.84 22.35
N ARG A 351 -6.99 5.86 21.57
CA ARG A 351 -7.84 7.03 21.46
C ARG A 351 -9.22 6.67 20.91
N LEU A 352 -9.26 5.76 19.95
CA LEU A 352 -10.54 5.31 19.40
C LEU A 352 -11.32 4.54 20.47
N LYS A 353 -10.64 3.65 21.19
CA LYS A 353 -11.29 2.89 22.26
C LYS A 353 -11.87 3.82 23.34
N LEU A 354 -11.17 4.90 23.65
CA LEU A 354 -11.60 5.86 24.68
C LEU A 354 -12.56 6.93 24.19
N ASN A 355 -12.79 6.97 22.88
CA ASN A 355 -13.42 8.13 22.24
C ASN A 355 -12.77 9.43 22.71
N ALA A 356 -11.43 9.41 22.75
CA ALA A 356 -10.64 10.59 23.06
C ALA A 356 -10.52 11.49 21.84
N PRO A 357 -10.26 12.79 22.05
CA PRO A 357 -10.07 13.67 20.89
C PRO A 357 -8.86 13.20 20.10
N LEU A 358 -8.91 13.38 18.78
CA LEU A 358 -7.77 13.06 17.95
C LEU A 358 -6.93 14.31 17.70
N ASN A 359 -5.62 14.20 17.87
CA ASN A 359 -4.67 15.25 17.52
C ASN A 359 -4.85 15.65 16.06
N ARG A 360 -4.86 16.94 15.78
CA ARG A 360 -4.86 17.35 14.37
C ARG A 360 -3.48 17.05 13.79
N TYR A 361 -3.45 16.75 12.50
CA TYR A 361 -2.20 16.45 11.84
C TYR A 361 -1.70 17.69 11.11
N ASP A 362 -0.38 17.79 11.02
N ASP A 362 -0.38 17.82 10.99
CA ASP A 362 0.26 18.83 10.24
CA ASP A 362 0.20 18.93 10.25
C ASP A 362 0.68 18.28 8.88
C ASP A 362 0.74 18.43 8.90
N ARG A 363 -0.05 18.66 7.84
CA ARG A 363 0.27 18.21 6.51
C ARG A 363 1.62 18.74 6.01
N ALA A 364 2.03 19.89 6.52
CA ALA A 364 3.33 20.47 6.16
C ALA A 364 4.50 19.53 6.41
N THR A 365 4.34 18.59 7.35
CA THR A 365 5.46 17.68 7.63
C THR A 365 5.15 16.21 7.31
N PHE A 366 4.19 15.98 6.42
CA PHE A 366 3.96 14.62 5.92
C PHE A 366 5.19 14.04 5.22
N TYR A 367 5.85 14.86 4.40
CA TYR A 367 6.90 14.35 3.51
C TYR A 367 8.27 15.01 3.70
N THR A 368 8.42 15.77 4.78
CA THR A 368 9.74 16.29 5.16
C THR A 368 10.58 15.16 5.74
N HIS A 369 11.84 15.41 6.09
CA HIS A 369 12.73 14.29 6.38
C HIS A 369 13.27 14.24 7.81
N ASP A 370 12.78 15.12 8.68
CA ASP A 370 13.26 15.16 10.08
CA ASP A 370 13.27 15.15 10.05
C ASP A 370 12.79 13.93 10.83
N PRO A 371 13.71 13.27 11.55
CA PRO A 371 13.36 12.05 12.28
C PRO A 371 12.43 12.32 13.46
N VAL A 372 12.40 13.55 13.96
CA VAL A 372 11.54 13.88 15.08
C VAL A 372 10.36 14.77 14.69
N VAL A 373 10.68 15.95 14.15
CA VAL A 373 9.67 16.99 13.91
C VAL A 373 8.60 16.57 12.91
N GLY A 374 7.36 16.47 13.41
CA GLY A 374 6.22 16.07 12.60
C GLY A 374 6.22 14.59 12.25
N TYR A 375 7.08 13.81 12.90
CA TYR A 375 7.18 12.38 12.64
C TYR A 375 6.97 11.54 13.91
N THR A 376 7.89 11.68 14.87
CA THR A 376 7.77 10.93 16.13
C THR A 376 7.38 11.79 17.33
N ASP A 377 7.14 13.08 17.12
CA ASP A 377 6.88 13.96 18.27
C ASP A 377 5.42 14.34 18.46
N TYR A 378 4.50 13.65 17.78
CA TYR A 378 3.09 13.76 18.17
C TYR A 378 2.90 12.98 19.47
N PRO A 379 2.23 13.59 20.47
CA PRO A 379 2.16 12.93 21.79
C PRO A 379 1.14 11.80 21.89
N SER A 380 1.48 10.79 22.69
CA SER A 380 0.53 9.75 23.10
C SER A 380 -0.13 10.18 24.40
N LEU A 381 -1.26 9.59 24.73
CA LEU A 381 -1.85 9.80 26.06
C LEU A 381 -0.97 9.12 27.12
N ASP A 382 -0.87 9.71 28.30
CA ASP A 382 -0.07 9.10 29.37
C ASP A 382 -0.87 7.99 30.07
#